data_4YNU
#
_entry.id   4YNU
#
_cell.length_a   49.658
_cell.length_b   64.877
_cell.length_c   75.889
_cell.angle_alpha   90.000
_cell.angle_beta   100.460
_cell.angle_gamma   90.000
#
_symmetry.space_group_name_H-M   'P 1 21 1'
#
loop_
_entity.id
_entity.type
_entity.pdbx_description
1 polymer 'Glucose oxidase, putative'
2 non-polymer 'FLAVIN-ADENINE DINUCLEOTIDE'
3 non-polymer D-glucono-1,5-lactone
4 water water
#
_entity_poly.entity_id   1
_entity_poly.type   'polypeptide(L)'
_entity_poly.pdbx_seq_one_letter_code
;MNTTTYDYIVVGGGTSGLVVANRLSENPDVSVLLLEAGASVFNNPDVTNANGYGLAFGSAIDWQYQSINQSYAGGKQQVL
RAGKALGGTSTINGMAYTRAEDVQIDVWQKLGNEGWTWKDLLPYYLKSENLTAPTSSQVAAGAAYNPAVNGKEGPLKVGW
SGSLASGNLSVALNRTFQAAGVPWVEDVNGGKMRGFNIYPSTLDVDLNVREDAARAYYFPYDDRKNLHLLENTTANRLFW
KNGSAEEAIADGVEITSADGKVTRVHAKKEVIISAGALRSPLILELSGVGNPTILKKNNITPRVDLPTVGENLQDQFNNG
MAGEGYGVLAGASTVTYPSISDVFGNETDSIVASLRSQLSDYAAATVKVSNGHMKQEDLERLYQLQFDLIVKDKVPIAEI
LFHPGGGNAVSSEFWGLLPFARGNIHISSNDPTAPAAINPNYFMFEWDGKSQAGIAKYIRKILRSAPLNKLIAKETKPGL
SEIPATAADEKWVEWLKANYRSNFHPVGTAAMMPRSIGGVVDNRLRVYGTSNVRVVDASVLPFQVCGHLVSTLYAVAERA
SDLIKEDAKSA
;
_entity_poly.pdbx_strand_id   A
#
loop_
_chem_comp.id
_chem_comp.type
_chem_comp.name
_chem_comp.formula
FAD non-polymer 'FLAVIN-ADENINE DINUCLEOTIDE' 'C27 H33 N9 O15 P2'
LGC D-saccharide D-glucono-1,5-lactone 'C6 H10 O6'
#
# COMPACT_ATOMS: atom_id res chain seq x y z
N THR A 3 5.99 5.55 -36.06
CA THR A 3 4.54 5.54 -35.71
C THR A 3 4.29 4.84 -34.37
N THR A 4 5.26 4.03 -33.94
CA THR A 4 5.16 3.32 -32.67
C THR A 4 6.09 3.91 -31.61
N THR A 5 6.49 5.17 -31.78
CA THR A 5 7.50 5.79 -30.91
C THR A 5 6.98 7.00 -30.13
N TYR A 6 7.33 7.04 -28.85
CA TYR A 6 6.84 8.04 -27.90
C TYR A 6 8.02 8.45 -27.05
N ASP A 7 7.95 9.57 -26.34
CA ASP A 7 9.06 9.95 -25.48
C ASP A 7 9.12 9.06 -24.25
N TYR A 8 7.98 8.87 -23.61
CA TYR A 8 7.87 8.04 -22.41
C TYR A 8 6.79 7.02 -22.62
N ILE A 9 7.03 5.80 -22.14
CA ILE A 9 5.99 4.81 -21.99
C ILE A 9 5.80 4.53 -20.51
N VAL A 10 4.57 4.66 -20.05
CA VAL A 10 4.19 4.31 -18.69
C VAL A 10 3.40 3.01 -18.70
N VAL A 11 3.97 1.99 -18.06
CA VAL A 11 3.37 0.67 -18.04
C VAL A 11 2.49 0.52 -16.82
N GLY A 12 1.19 0.51 -17.03
CA GLY A 12 0.23 0.48 -15.92
C GLY A 12 -0.45 1.82 -15.69
N GLY A 13 -1.72 1.90 -16.07
CA GLY A 13 -2.51 3.09 -15.87
C GLY A 13 -3.24 3.05 -14.55
N GLY A 14 -2.50 2.83 -13.48
CA GLY A 14 -3.08 2.72 -12.15
C GLY A 14 -2.80 3.92 -11.27
N THR A 15 -2.85 3.67 -9.98
CA THR A 15 -2.76 4.72 -8.96
C THR A 15 -1.60 5.64 -9.24
N SER A 16 -0.41 5.03 -9.39
CA SER A 16 0.83 5.78 -9.57
C SER A 16 1.06 6.17 -11.03
N GLY A 17 0.83 5.23 -11.94
CA GLY A 17 1.17 5.45 -13.34
C GLY A 17 0.43 6.65 -13.93
N LEU A 18 -0.82 6.84 -13.53
CA LEU A 18 -1.62 7.94 -14.08
C LEU A 18 -1.10 9.30 -13.62
N VAL A 19 -0.49 9.35 -12.43
CA VAL A 19 0.14 10.57 -11.98
C VAL A 19 1.32 10.93 -12.89
N VAL A 20 2.21 9.96 -13.11
CA VAL A 20 3.37 10.17 -13.96
C VAL A 20 2.95 10.58 -15.37
N ALA A 21 1.97 9.88 -15.95
CA ALA A 21 1.55 10.20 -17.31
C ALA A 21 0.98 11.62 -17.35
N ASN A 22 0.21 11.97 -16.33
CA ASN A 22 -0.37 13.33 -16.23
C ASN A 22 0.75 14.36 -16.20
N ARG A 23 1.69 14.18 -15.29
CA ARG A 23 2.68 15.22 -15.05
C ARG A 23 3.67 15.37 -16.20
N LEU A 24 4.10 14.25 -16.78
CA LEU A 24 5.05 14.30 -17.90
C LEU A 24 4.39 14.98 -19.11
N SER A 25 3.09 14.76 -19.29
CA SER A 25 2.37 15.33 -20.44
C SER A 25 2.01 16.80 -20.24
N GLU A 26 2.40 17.37 -19.11
CA GLU A 26 2.25 18.81 -18.86
C GLU A 26 3.13 19.58 -19.84
N ASN A 27 4.20 18.95 -20.29
CA ASN A 27 5.04 19.51 -21.35
C ASN A 27 4.44 19.11 -22.69
N PRO A 28 3.86 20.08 -23.40
CA PRO A 28 3.08 19.72 -24.57
C PRO A 28 3.93 19.12 -25.70
N ASP A 29 5.24 19.27 -25.59
CA ASP A 29 6.15 18.73 -26.61
C ASP A 29 6.64 17.33 -26.27
N VAL A 30 6.19 16.80 -25.13
CA VAL A 30 6.59 15.47 -24.70
C VAL A 30 5.42 14.53 -24.95
N SER A 31 5.66 13.44 -25.67
CA SER A 31 4.60 12.47 -25.92
C SER A 31 4.70 11.35 -24.90
N VAL A 32 3.55 10.98 -24.37
CA VAL A 32 3.47 9.93 -23.36
C VAL A 32 2.48 8.86 -23.77
N LEU A 33 2.91 7.61 -23.71
CA LEU A 33 2.00 6.50 -23.95
C LEU A 33 1.72 5.75 -22.65
N LEU A 34 0.44 5.65 -22.29
CA LEU A 34 -0.02 4.77 -21.21
C LEU A 34 -0.46 3.42 -21.73
N LEU A 35 0.04 2.36 -21.10
CA LEU A 35 -0.40 1.00 -21.35
C LEU A 35 -1.16 0.46 -20.15
N GLU A 36 -2.40 0.03 -20.38
CA GLU A 36 -3.22 -0.51 -19.33
C GLU A 36 -3.94 -1.77 -19.77
N ALA A 37 -3.82 -2.84 -18.97
CA ALA A 37 -4.38 -4.15 -19.31
C ALA A 37 -5.90 -4.18 -19.20
N GLY A 38 -6.43 -3.39 -18.26
CA GLY A 38 -7.88 -3.21 -18.15
C GLY A 38 -8.41 -2.06 -18.97
N ALA A 39 -9.60 -1.58 -18.62
CA ALA A 39 -10.26 -0.51 -19.34
C ALA A 39 -10.94 0.48 -18.42
N SER A 40 -11.52 1.52 -19.00
CA SER A 40 -12.24 2.51 -18.22
C SER A 40 -13.29 1.84 -17.34
N VAL A 41 -13.40 2.33 -16.11
CA VAL A 41 -14.50 1.99 -15.23
C VAL A 41 -15.30 3.25 -14.86
N PHE A 42 -15.25 4.25 -15.72
CA PHE A 42 -16.05 5.46 -15.53
C PHE A 42 -17.54 5.19 -15.26
N ASN A 43 -18.13 4.23 -15.97
CA ASN A 43 -19.53 3.86 -15.73
C ASN A 43 -19.75 2.47 -15.19
N ASN A 44 -18.77 1.99 -14.41
CA ASN A 44 -18.96 0.79 -13.64
C ASN A 44 -19.44 1.16 -12.25
N PRO A 45 -20.67 0.77 -11.90
CA PRO A 45 -21.26 1.19 -10.64
C PRO A 45 -20.60 0.57 -9.42
N ASP A 46 -19.93 -0.58 -9.58
CA ASP A 46 -19.17 -1.20 -8.51
C ASP A 46 -18.05 -0.26 -8.08
N VAL A 47 -17.60 0.56 -9.03
CA VAL A 47 -16.48 1.47 -8.82
C VAL A 47 -16.98 2.83 -8.33
N THR A 48 -17.93 3.42 -9.04
CA THR A 48 -18.34 4.81 -8.75
C THR A 48 -19.02 4.95 -7.39
N ASN A 49 -19.75 3.92 -6.97
CA ASN A 49 -20.46 3.90 -5.70
C ASN A 49 -19.56 4.25 -4.53
N ALA A 50 -19.87 5.38 -3.89
CA ALA A 50 -19.07 5.88 -2.79
C ALA A 50 -19.09 4.91 -1.61
N ASN A 51 -20.13 4.08 -1.55
CA ASN A 51 -20.27 3.06 -0.52
C ASN A 51 -20.13 1.64 -1.10
N GLY A 52 -19.47 1.51 -2.24
CA GLY A 52 -19.43 0.24 -2.96
C GLY A 52 -18.21 -0.64 -2.70
N TYR A 53 -17.38 -0.27 -1.74
CA TYR A 53 -16.17 -1.05 -1.45
C TYR A 53 -16.54 -2.50 -1.14
N GLY A 54 -15.93 -3.43 -1.87
CA GLY A 54 -16.21 -4.86 -1.78
C GLY A 54 -16.96 -5.39 -2.99
N LEU A 55 -17.74 -4.53 -3.63
CA LEU A 55 -18.64 -4.98 -4.69
C LEU A 55 -17.89 -5.59 -5.86
N ALA A 56 -16.70 -5.06 -6.13
CA ALA A 56 -15.93 -5.47 -7.30
C ALA A 56 -15.11 -6.74 -7.08
N PHE A 57 -15.03 -7.22 -5.83
CA PHE A 57 -14.19 -8.40 -5.53
C PHE A 57 -14.69 -9.56 -6.39
N GLY A 58 -13.78 -10.24 -7.07
CA GLY A 58 -14.15 -11.43 -7.83
C GLY A 58 -14.57 -11.12 -9.26
N SER A 59 -14.70 -9.85 -9.59
CA SER A 59 -15.19 -9.43 -10.91
C SER A 59 -14.05 -9.29 -11.91
N ALA A 60 -14.38 -8.93 -13.13
CA ALA A 60 -13.42 -8.81 -14.22
C ALA A 60 -12.39 -7.74 -13.98
N ILE A 61 -12.69 -6.81 -13.07
CA ILE A 61 -11.75 -5.73 -12.76
C ILE A 61 -10.90 -6.01 -11.51
N ASP A 62 -10.92 -7.26 -11.06
CA ASP A 62 -10.12 -7.72 -9.90
C ASP A 62 -9.18 -8.80 -10.47
N TRP A 63 -7.87 -8.53 -10.41
CA TRP A 63 -6.87 -9.48 -10.86
C TRP A 63 -6.92 -10.80 -10.10
N GLN A 64 -7.38 -10.75 -8.85
CA GLN A 64 -7.49 -11.94 -8.01
C GLN A 64 -6.21 -12.79 -8.05
N TYR A 65 -5.08 -12.15 -7.75
CA TYR A 65 -3.84 -12.88 -7.70
C TYR A 65 -3.90 -13.88 -6.53
N GLN A 66 -3.11 -14.95 -6.61
CA GLN A 66 -3.21 -16.04 -5.65
CA GLN A 66 -3.20 -16.04 -5.65
C GLN A 66 -1.83 -16.31 -5.03
N SER A 67 -1.78 -16.35 -3.71
CA SER A 67 -0.53 -16.69 -3.03
C SER A 67 -0.29 -18.19 -3.03
N ILE A 68 0.93 -18.56 -2.68
CA ILE A 68 1.26 -19.94 -2.37
C ILE A 68 0.76 -20.28 -0.97
N ASN A 69 0.81 -21.56 -0.62
CA ASN A 69 0.49 -21.98 0.73
C ASN A 69 1.34 -21.20 1.73
N GLN A 70 0.67 -20.63 2.74
CA GLN A 70 1.36 -19.79 3.73
C GLN A 70 1.80 -20.68 4.90
N SER A 71 3.07 -21.05 4.90
CA SER A 71 3.54 -22.15 5.74
C SER A 71 3.64 -21.72 7.20
N TYR A 72 3.62 -20.42 7.48
CA TYR A 72 3.63 -19.95 8.86
C TYR A 72 2.22 -19.67 9.38
N ALA A 73 1.22 -19.87 8.53
CA ALA A 73 -0.18 -19.65 8.90
C ALA A 73 -1.04 -20.82 8.42
N GLY A 74 -0.64 -22.03 8.77
CA GLY A 74 -1.52 -23.18 8.60
C GLY A 74 -1.66 -23.73 7.19
N GLY A 75 -0.92 -23.16 6.24
CA GLY A 75 -0.78 -23.77 4.91
C GLY A 75 -1.79 -23.27 3.90
N LYS A 76 -2.65 -22.35 4.32
CA LYS A 76 -3.72 -21.86 3.48
C LYS A 76 -3.20 -20.78 2.54
N GLN A 77 -3.65 -20.81 1.29
CA GLN A 77 -3.34 -19.77 0.33
C GLN A 77 -4.30 -18.62 0.43
N GLN A 78 -3.84 -17.43 0.06
CA GLN A 78 -4.58 -16.20 0.22
C GLN A 78 -4.73 -15.52 -1.13
N VAL A 79 -5.93 -14.96 -1.37
CA VAL A 79 -6.15 -14.11 -2.53
C VAL A 79 -5.57 -12.73 -2.26
N LEU A 80 -4.87 -12.23 -3.26
CA LEU A 80 -4.23 -10.94 -3.20
CA LEU A 80 -4.25 -10.92 -3.19
C LEU A 80 -4.88 -10.07 -4.29
N ARG A 81 -5.79 -9.21 -3.88
CA ARG A 81 -6.64 -8.50 -4.83
C ARG A 81 -5.92 -7.28 -5.39
N ALA A 82 -6.33 -6.86 -6.58
CA ALA A 82 -5.72 -5.73 -7.26
C ALA A 82 -6.63 -5.30 -8.39
N GLY A 83 -6.61 -4.02 -8.73
CA GLY A 83 -7.51 -3.49 -9.75
C GLY A 83 -6.97 -3.68 -11.15
N LYS A 84 -7.83 -4.22 -12.01
CA LYS A 84 -7.54 -4.37 -13.43
C LYS A 84 -8.50 -3.42 -14.16
N ALA A 85 -8.03 -2.21 -14.36
CA ALA A 85 -8.91 -1.10 -14.73
C ALA A 85 -8.04 0.12 -14.97
N LEU A 86 -8.52 1.05 -15.79
CA LEU A 86 -7.95 2.39 -15.79
C LEU A 86 -8.22 3.02 -14.43
N GLY A 87 -7.14 3.32 -13.71
CA GLY A 87 -7.22 3.70 -12.30
C GLY A 87 -6.64 2.64 -11.38
N GLY A 88 -6.39 1.45 -11.90
CA GLY A 88 -5.79 0.41 -11.09
C GLY A 88 -6.55 0.09 -9.80
N THR A 89 -5.81 -0.12 -8.73
CA THR A 89 -6.39 -0.60 -7.50
C THR A 89 -7.18 0.50 -6.77
N SER A 90 -6.97 1.76 -7.14
CA SER A 90 -7.78 2.86 -6.60
C SER A 90 -9.26 2.75 -6.97
N THR A 91 -9.59 1.85 -7.90
CA THR A 91 -10.97 1.66 -8.32
C THR A 91 -11.73 0.61 -7.52
N ILE A 92 -11.01 -0.21 -6.74
CA ILE A 92 -11.65 -1.29 -5.99
C ILE A 92 -11.33 -1.30 -4.51
N ASN A 93 -10.63 -0.26 -4.07
CA ASN A 93 -10.13 -0.21 -2.69
C ASN A 93 -11.09 0.51 -1.76
N GLY A 94 -10.70 0.63 -0.50
CA GLY A 94 -11.52 1.32 0.48
C GLY A 94 -11.23 2.79 0.27
N MET A 95 -11.91 3.67 0.98
CA MET A 95 -11.70 5.03 0.53
C MET A 95 -11.00 5.97 1.50
N ALA A 96 -10.48 5.41 2.58
CA ALA A 96 -9.87 6.22 3.62
C ALA A 96 -8.61 6.90 3.10
N TYR A 97 -8.54 8.21 3.32
CA TYR A 97 -7.35 8.97 2.95
C TYR A 97 -6.53 9.26 4.21
N THR A 98 -5.50 8.45 4.42
CA THR A 98 -4.51 8.70 5.49
C THR A 98 -3.10 8.45 4.98
N ARG A 99 -2.12 9.10 5.60
CA ARG A 99 -0.78 9.14 5.04
C ARG A 99 0.22 8.26 5.76
N ALA A 100 1.22 8.86 6.40
CA ALA A 100 2.29 8.12 7.01
C ALA A 100 2.81 8.93 8.18
N GLU A 101 3.57 8.29 9.06
CA GLU A 101 4.21 9.03 10.14
C GLU A 101 5.45 9.74 9.59
N ASP A 102 5.64 10.99 10.00
CA ASP A 102 6.79 11.77 9.52
C ASP A 102 8.13 11.04 9.65
N VAL A 103 8.41 10.49 10.82
CA VAL A 103 9.68 9.84 11.05
C VAL A 103 9.86 8.60 10.21
N GLN A 104 8.76 7.97 9.77
CA GLN A 104 8.92 6.78 8.98
C GLN A 104 9.24 7.08 7.51
N ILE A 105 8.82 8.24 7.01
CA ILE A 105 9.37 8.74 5.76
C ILE A 105 10.83 9.21 5.91
N ASP A 106 11.14 9.88 7.03
CA ASP A 106 12.52 10.29 7.29
C ASP A 106 13.47 9.10 7.21
N VAL A 107 13.00 7.94 7.64
CA VAL A 107 13.85 6.75 7.62
C VAL A 107 14.31 6.41 6.21
N TRP A 108 13.53 6.76 5.20
CA TRP A 108 13.95 6.48 3.82
C TRP A 108 15.30 7.14 3.50
N GLN A 109 15.50 8.39 3.94
CA GLN A 109 16.77 9.05 3.73
C GLN A 109 17.87 8.47 4.61
N LYS A 110 17.52 8.12 5.85
CA LYS A 110 18.45 7.46 6.77
C LYS A 110 18.99 6.15 6.16
N LEU A 111 18.13 5.44 5.41
CA LEU A 111 18.48 4.24 4.67
C LEU A 111 19.60 4.49 3.66
N GLY A 112 19.67 5.71 3.18
CA GLY A 112 20.60 6.06 2.14
C GLY A 112 19.91 6.54 0.89
N ASN A 113 18.62 6.88 0.98
CA ASN A 113 17.89 7.41 -0.18
C ASN A 113 17.77 8.93 -0.11
N GLU A 114 18.72 9.63 -0.73
CA GLU A 114 18.77 11.08 -0.60
C GLU A 114 17.50 11.72 -1.11
N GLY A 115 16.98 12.66 -0.33
CA GLY A 115 15.89 13.50 -0.79
C GLY A 115 14.52 13.05 -0.28
N TRP A 116 14.46 11.88 0.34
CA TRP A 116 13.20 11.33 0.78
C TRP A 116 13.06 11.48 2.28
N THR A 117 12.43 12.59 2.68
CA THR A 117 12.07 12.88 4.06
C THR A 117 10.64 13.37 4.10
N TRP A 118 10.04 13.41 5.29
CA TRP A 118 8.69 13.96 5.41
C TRP A 118 8.65 15.39 4.89
N LYS A 119 9.64 16.20 5.25
CA LYS A 119 9.70 17.60 4.82
C LYS A 119 9.71 17.72 3.30
N ASP A 120 10.46 16.84 2.64
CA ASP A 120 10.55 16.84 1.19
C ASP A 120 9.29 16.29 0.52
N LEU A 121 8.60 15.37 1.17
CA LEU A 121 7.42 14.71 0.56
C LEU A 121 6.14 15.47 0.77
N LEU A 122 6.05 16.21 1.88
CA LEU A 122 4.84 16.93 2.22
C LEU A 122 4.31 17.84 1.10
N PRO A 123 5.19 18.61 0.45
CA PRO A 123 4.67 19.43 -0.65
C PRO A 123 4.02 18.62 -1.76
N TYR A 124 4.46 17.39 -1.95
CA TYR A 124 3.90 16.54 -2.97
C TYR A 124 2.58 15.86 -2.57
N TYR A 125 2.43 15.55 -1.28
CA TYR A 125 1.11 15.21 -0.76
C TYR A 125 0.14 16.38 -1.04
N LEU A 126 0.57 17.60 -0.71
CA LEU A 126 -0.27 18.77 -0.92
C LEU A 126 -0.60 18.96 -2.40
N LYS A 127 0.41 18.82 -3.25
CA LYS A 127 0.25 18.97 -4.69
C LYS A 127 -0.79 18.01 -5.25
N SER A 128 -0.89 16.83 -4.66
CA SER A 128 -1.81 15.81 -5.16
C SER A 128 -3.27 16.06 -4.84
N GLU A 129 -3.54 16.89 -3.82
CA GLU A 129 -4.79 16.85 -3.08
C GLU A 129 -5.67 18.07 -3.31
N ASN A 130 -6.97 17.86 -3.43
CA ASN A 130 -7.93 18.97 -3.31
C ASN A 130 -9.00 18.59 -2.30
N LEU A 131 -8.85 19.05 -1.07
CA LEU A 131 -9.74 18.67 0.00
C LEU A 131 -10.94 19.61 0.03
N THR A 132 -12.13 19.02 0.09
CA THR A 132 -13.34 19.81 0.29
C THR A 132 -13.68 19.86 1.76
N ALA A 133 -13.87 21.08 2.24
CA ALA A 133 -14.16 21.30 3.64
C ALA A 133 -15.45 20.61 4.03
N PRO A 134 -15.55 20.18 5.29
CA PRO A 134 -16.72 19.48 5.76
C PRO A 134 -17.92 20.41 5.93
N THR A 135 -19.11 19.87 5.80
CA THR A 135 -20.32 20.66 6.05
C THR A 135 -20.47 20.86 7.55
N SER A 136 -21.39 21.75 7.92
CA SER A 136 -21.63 22.06 9.31
C SER A 136 -21.97 20.79 10.09
N SER A 137 -22.74 19.91 9.46
CA SER A 137 -23.19 18.70 10.14
C SER A 137 -22.08 17.66 10.24
N GLN A 138 -21.19 17.65 9.26
CA GLN A 138 -20.02 16.79 9.33
C GLN A 138 -19.11 17.26 10.46
N VAL A 139 -18.94 18.57 10.59
CA VAL A 139 -18.13 19.15 11.66
C VAL A 139 -18.64 18.75 13.04
N ALA A 140 -19.95 18.86 13.26
CA ALA A 140 -20.53 18.52 14.55
C ALA A 140 -20.24 17.05 14.90
N ALA A 141 -20.14 16.20 13.88
CA ALA A 141 -19.81 14.80 14.09
C ALA A 141 -18.33 14.53 14.42
N GLY A 142 -17.46 15.49 14.14
CA GLY A 142 -16.06 15.36 14.52
C GLY A 142 -15.10 15.59 13.36
N ALA A 143 -15.63 15.83 12.17
CA ALA A 143 -14.77 15.97 10.99
C ALA A 143 -13.97 17.26 11.02
N ALA A 144 -12.67 17.15 10.78
CA ALA A 144 -11.77 18.27 10.87
C ALA A 144 -10.57 18.06 9.97
N TYR A 145 -9.85 19.14 9.73
CA TYR A 145 -8.58 19.07 9.05
C TYR A 145 -7.71 20.24 9.42
N ASN A 146 -6.41 20.03 9.27
CA ASN A 146 -5.42 21.10 9.41
C ASN A 146 -5.12 21.73 8.05
N PRO A 147 -5.58 22.97 7.83
CA PRO A 147 -5.39 23.57 6.51
C PRO A 147 -3.95 23.58 6.02
N ALA A 148 -2.99 23.61 6.94
CA ALA A 148 -1.59 23.72 6.56
C ALA A 148 -1.06 22.45 5.91
N VAL A 149 -1.77 21.32 6.08
CA VAL A 149 -1.26 20.06 5.54
C VAL A 149 -2.19 19.41 4.51
N ASN A 150 -3.16 20.18 4.04
CA ASN A 150 -4.07 19.73 2.99
C ASN A 150 -4.07 20.67 1.80
N GLY A 151 -3.92 20.08 0.61
CA GLY A 151 -3.93 20.81 -0.64
C GLY A 151 -5.35 21.16 -1.03
N LYS A 152 -5.47 22.23 -1.80
CA LYS A 152 -6.75 22.67 -2.33
C LYS A 152 -6.75 22.78 -3.86
N GLU A 153 -5.65 22.45 -4.53
CA GLU A 153 -5.53 22.64 -5.98
C GLU A 153 -5.26 21.37 -6.76
N GLY A 154 -5.07 20.25 -6.07
CA GLY A 154 -4.54 19.05 -6.72
C GLY A 154 -5.63 18.24 -7.39
N PRO A 155 -5.21 17.22 -8.15
CA PRO A 155 -6.19 16.46 -8.93
C PRO A 155 -7.08 15.54 -8.11
N LEU A 156 -6.57 15.03 -6.99
CA LEU A 156 -7.29 14.07 -6.18
C LEU A 156 -8.27 14.77 -5.23
N LYS A 157 -9.55 14.76 -5.57
CA LYS A 157 -10.60 15.23 -4.66
C LYS A 157 -10.70 14.35 -3.41
N VAL A 158 -10.71 15.01 -2.26
CA VAL A 158 -10.78 14.35 -0.97
C VAL A 158 -11.86 15.07 -0.16
N GLY A 159 -12.63 14.31 0.62
CA GLY A 159 -13.67 14.90 1.45
C GLY A 159 -14.41 13.88 2.26
N TRP A 160 -15.47 14.32 2.93
CA TRP A 160 -16.22 13.44 3.81
C TRP A 160 -17.53 13.03 3.17
N SER A 161 -17.92 11.79 3.44
CA SER A 161 -19.09 11.18 2.88
C SER A 161 -20.31 12.07 3.05
N GLY A 162 -21.15 12.12 2.02
CA GLY A 162 -22.43 12.79 2.11
C GLY A 162 -23.31 12.23 3.21
N SER A 163 -23.03 11.00 3.64
CA SER A 163 -23.90 10.34 4.64
C SER A 163 -23.34 10.44 6.06
N LEU A 164 -22.22 11.15 6.22
CA LEU A 164 -21.59 11.29 7.52
C LEU A 164 -22.48 12.10 8.46
N ALA A 165 -22.81 11.53 9.60
CA ALA A 165 -23.66 12.19 10.59
C ALA A 165 -23.18 11.84 11.98
N SER A 166 -23.47 12.73 12.93
CA SER A 166 -23.30 12.35 14.33
C SER A 166 -24.23 11.19 14.64
N GLY A 167 -23.74 10.24 15.42
CA GLY A 167 -24.57 9.14 15.90
C GLY A 167 -24.02 8.63 17.20
N ASN A 168 -24.80 7.79 17.87
CA ASN A 168 -24.40 7.31 19.19
C ASN A 168 -23.04 6.60 19.17
N LEU A 169 -22.77 5.88 18.08
CA LEU A 169 -21.55 5.08 17.97
C LEU A 169 -20.28 5.94 17.86
N SER A 170 -20.29 6.91 16.96
CA SER A 170 -19.10 7.71 16.73
C SER A 170 -18.79 8.62 17.93
N VAL A 171 -19.82 9.10 18.61
CA VAL A 171 -19.66 9.87 19.84
C VAL A 171 -19.04 8.98 20.92
N ALA A 172 -19.60 7.78 21.09
CA ALA A 172 -19.16 6.89 22.14
C ALA A 172 -17.72 6.41 21.88
N LEU A 173 -17.40 6.15 20.61
CA LEU A 173 -16.06 5.65 20.28
C LEU A 173 -14.99 6.69 20.61
N ASN A 174 -15.27 7.95 20.27
CA ASN A 174 -14.39 9.06 20.62
C ASN A 174 -14.08 9.05 22.13
N ARG A 175 -15.14 9.06 22.94
CA ARG A 175 -14.98 9.08 24.39
C ARG A 175 -14.26 7.84 24.92
N THR A 176 -14.60 6.68 24.38
CA THR A 176 -14.06 5.43 24.88
C THR A 176 -12.56 5.31 24.53
N PHE A 177 -12.19 5.71 23.33
CA PHE A 177 -10.78 5.71 22.98
C PHE A 177 -10.00 6.74 23.82
N GLN A 178 -10.58 7.90 24.07
CA GLN A 178 -9.95 8.87 24.94
C GLN A 178 -9.74 8.32 26.35
N ALA A 179 -10.74 7.60 26.85
CA ALA A 179 -10.62 6.95 28.15
C ALA A 179 -9.53 5.88 28.17
N ALA A 180 -9.22 5.29 27.01
CA ALA A 180 -8.11 4.35 26.90
C ALA A 180 -6.77 5.08 26.69
N GLY A 181 -6.82 6.40 26.60
CA GLY A 181 -5.62 7.21 26.55
C GLY A 181 -5.19 7.59 25.14
N VAL A 182 -6.02 7.28 24.15
CA VAL A 182 -5.71 7.65 22.77
C VAL A 182 -6.41 8.97 22.46
N PRO A 183 -5.62 9.99 22.10
CA PRO A 183 -6.16 11.33 21.85
C PRO A 183 -7.06 11.36 20.62
N TRP A 184 -8.13 12.13 20.66
CA TRP A 184 -8.76 12.62 19.44
CA TRP A 184 -8.76 12.63 19.44
C TRP A 184 -7.82 13.60 18.74
N VAL A 185 -7.50 13.32 17.48
CA VAL A 185 -6.70 14.25 16.70
C VAL A 185 -7.48 14.71 15.48
N GLU A 186 -7.29 15.97 15.13
CA GLU A 186 -8.12 16.60 14.11
CA GLU A 186 -8.14 16.56 14.12
C GLU A 186 -7.69 16.16 12.72
N ASP A 187 -6.42 15.80 12.57
CA ASP A 187 -5.88 15.48 11.25
C ASP A 187 -4.77 14.45 11.42
N VAL A 188 -4.94 13.27 10.84
CA VAL A 188 -3.87 12.26 10.88
C VAL A 188 -2.84 12.41 9.78
N ASN A 189 -2.99 13.43 8.96
CA ASN A 189 -2.22 13.56 7.71
C ASN A 189 -1.14 14.63 7.75
N GLY A 190 -0.86 15.14 8.94
CA GLY A 190 0.24 16.09 9.13
C GLY A 190 1.53 15.47 9.67
N GLY A 191 1.66 14.16 9.53
CA GLY A 191 2.87 13.48 9.94
C GLY A 191 2.79 12.81 11.30
N LYS A 192 1.77 13.16 12.07
CA LYS A 192 1.54 12.58 13.40
C LYS A 192 0.19 11.86 13.38
N MET A 193 0.25 10.53 13.27
CA MET A 193 -0.94 9.74 12.98
C MET A 193 -1.61 9.18 14.24
N ARG A 194 -0.88 9.12 15.35
CA ARG A 194 -1.44 8.50 16.54
C ARG A 194 -2.69 9.23 16.98
N GLY A 195 -3.76 8.49 17.20
CA GLY A 195 -4.99 9.08 17.68
C GLY A 195 -6.21 8.47 17.06
N PHE A 196 -7.36 9.00 17.49
CA PHE A 196 -8.67 8.65 16.98
C PHE A 196 -9.11 9.76 16.03
N ASN A 197 -9.72 9.42 14.89
CA ASN A 197 -9.97 10.42 13.86
C ASN A 197 -11.18 10.10 12.99
N ILE A 198 -11.95 11.13 12.66
CA ILE A 198 -13.00 11.03 11.67
C ILE A 198 -12.42 11.29 10.28
N TYR A 199 -11.95 10.22 9.64
CA TYR A 199 -11.09 10.35 8.48
C TYR A 199 -11.83 10.85 7.26
N PRO A 200 -11.14 11.60 6.42
CA PRO A 200 -11.62 11.93 5.08
C PRO A 200 -11.37 10.77 4.13
N SER A 201 -11.96 10.86 2.94
CA SER A 201 -11.95 9.80 1.95
C SER A 201 -11.61 10.34 0.57
N THR A 202 -11.21 9.43 -0.31
CA THR A 202 -11.00 9.77 -1.70
C THR A 202 -12.36 9.77 -2.39
N LEU A 203 -13.05 10.91 -2.30
CA LEU A 203 -14.45 11.01 -2.61
C LEU A 203 -14.58 12.35 -3.32
N ASP A 204 -15.25 12.34 -4.48
CA ASP A 204 -15.72 13.57 -5.12
C ASP A 204 -17.07 13.93 -4.51
N VAL A 205 -17.11 14.93 -3.62
CA VAL A 205 -18.33 15.25 -2.90
CA VAL A 205 -18.34 15.22 -2.91
C VAL A 205 -19.32 16.03 -3.77
N ASP A 206 -18.83 16.61 -4.86
CA ASP A 206 -19.73 17.30 -5.81
C ASP A 206 -20.63 16.27 -6.48
N LEU A 207 -20.05 15.15 -6.89
CA LEU A 207 -20.81 14.11 -7.56
C LEU A 207 -21.20 12.96 -6.62
N ASN A 208 -20.65 12.93 -5.42
CA ASN A 208 -20.80 11.80 -4.52
C ASN A 208 -20.43 10.47 -5.19
N VAL A 209 -19.22 10.42 -5.71
CA VAL A 209 -18.68 9.18 -6.26
C VAL A 209 -17.26 8.97 -5.74
N ARG A 210 -16.80 7.72 -5.79
CA ARG A 210 -15.41 7.40 -5.56
C ARG A 210 -14.51 8.25 -6.45
N GLU A 211 -13.51 8.86 -5.83
CA GLU A 211 -12.45 9.56 -6.55
C GLU A 211 -11.26 8.63 -6.74
N ASP A 212 -11.31 7.83 -7.79
CA ASP A 212 -10.20 7.01 -8.19
C ASP A 212 -9.16 7.81 -8.97
N ALA A 213 -8.03 7.17 -9.28
CA ALA A 213 -6.93 7.83 -9.92
C ALA A 213 -7.19 8.28 -11.34
N ALA A 214 -8.07 7.56 -12.05
CA ALA A 214 -8.44 7.99 -13.41
C ALA A 214 -9.34 9.23 -13.36
N ARG A 215 -10.34 9.23 -12.50
CA ARG A 215 -11.21 10.41 -12.35
C ARG A 215 -10.40 11.62 -11.93
N ALA A 216 -9.35 11.39 -11.13
CA ALA A 216 -8.46 12.46 -10.70
C ALA A 216 -7.48 12.91 -11.77
N TYR A 217 -6.65 11.98 -12.24
CA TYR A 217 -5.47 12.33 -13.01
C TYR A 217 -5.56 12.10 -14.53
N TYR A 218 -6.60 11.41 -14.99
CA TYR A 218 -6.69 11.06 -16.41
C TYR A 218 -7.85 11.81 -17.11
N PHE A 219 -9.09 11.56 -16.70
CA PHE A 219 -10.23 11.98 -17.51
C PHE A 219 -10.29 13.50 -17.72
N PRO A 220 -9.97 14.30 -16.68
CA PRO A 220 -10.03 15.76 -16.91
C PRO A 220 -8.91 16.27 -17.82
N TYR A 221 -8.02 15.37 -18.23
CA TYR A 221 -6.83 15.74 -19.00
C TYR A 221 -6.74 15.00 -20.33
N ASP A 222 -7.78 14.22 -20.66
CA ASP A 222 -7.67 13.27 -21.76
C ASP A 222 -7.84 13.94 -23.11
N ASP A 223 -8.03 15.25 -23.08
CA ASP A 223 -7.99 16.10 -24.27
C ASP A 223 -6.57 16.42 -24.75
N ARG A 224 -5.56 16.08 -23.95
CA ARG A 224 -4.17 16.38 -24.31
C ARG A 224 -3.75 15.48 -25.45
N LYS A 225 -3.35 16.09 -26.57
CA LYS A 225 -3.06 15.33 -27.78
C LYS A 225 -1.72 14.60 -27.68
N ASN A 226 -0.88 15.04 -26.73
CA ASN A 226 0.41 14.41 -26.48
C ASN A 226 0.33 13.26 -25.48
N LEU A 227 -0.85 13.01 -24.94
CA LEU A 227 -1.08 11.90 -24.00
C LEU A 227 -1.92 10.83 -24.68
N HIS A 228 -1.38 9.63 -24.74
CA HIS A 228 -1.98 8.55 -25.51
C HIS A 228 -2.21 7.35 -24.60
N LEU A 229 -3.37 6.73 -24.75
CA LEU A 229 -3.76 5.56 -23.94
C LEU A 229 -4.07 4.36 -24.84
N LEU A 230 -3.45 3.23 -24.53
CA LEU A 230 -3.90 1.95 -25.04
C LEU A 230 -4.46 1.13 -23.88
N GLU A 231 -5.79 0.99 -23.86
CA GLU A 231 -6.47 0.12 -22.92
C GLU A 231 -6.54 -1.29 -23.46
N ASN A 232 -7.00 -2.21 -22.61
CA ASN A 232 -7.06 -3.61 -22.96
C ASN A 232 -5.73 -4.07 -23.59
N THR A 233 -4.62 -3.57 -23.08
CA THR A 233 -3.32 -3.82 -23.68
C THR A 233 -2.37 -4.27 -22.58
N THR A 234 -1.80 -5.45 -22.73
CA THR A 234 -0.92 -6.04 -21.72
C THR A 234 0.53 -5.85 -22.12
N ALA A 235 1.31 -5.24 -21.25
CA ALA A 235 2.74 -5.17 -21.39
C ALA A 235 3.33 -6.49 -20.97
N ASN A 236 4.16 -7.07 -21.86
CA ASN A 236 4.75 -8.37 -21.63
C ASN A 236 6.16 -8.30 -21.05
N ARG A 237 7.01 -7.45 -21.64
CA ARG A 237 8.36 -7.22 -21.15
C ARG A 237 8.90 -5.99 -21.87
N LEU A 238 9.97 -5.43 -21.35
CA LEU A 238 10.75 -4.46 -22.08
C LEU A 238 11.65 -5.17 -23.05
N PHE A 239 12.05 -4.45 -24.10
CA PHE A 239 13.14 -4.91 -24.96
C PHE A 239 14.19 -3.82 -25.06
N TRP A 240 15.40 -4.21 -25.43
CA TRP A 240 16.59 -3.42 -25.15
C TRP A 240 17.27 -2.98 -26.44
N LYS A 241 17.93 -1.84 -26.39
CA LYS A 241 18.80 -1.44 -27.49
C LYS A 241 20.06 -2.29 -27.48
N ASN A 242 20.56 -2.59 -28.68
CA ASN A 242 21.64 -3.55 -28.86
C ASN A 242 22.94 -2.82 -29.19
N GLY A 243 23.94 -2.99 -28.35
CA GLY A 243 25.17 -2.21 -28.49
C GLY A 243 25.97 -2.27 -27.20
N SER A 244 27.29 -2.19 -27.32
CA SER A 244 28.17 -2.58 -26.25
C SER A 244 28.29 -1.47 -25.21
N ALA A 245 27.21 -0.72 -25.01
CA ALA A 245 26.88 -0.20 -23.69
C ALA A 245 26.52 -1.36 -22.78
N GLU A 246 27.42 -1.69 -21.85
CA GLU A 246 27.14 -2.70 -20.83
C GLU A 246 25.93 -2.30 -19.98
N GLU A 247 25.84 -1.01 -19.66
CA GLU A 247 24.65 -0.44 -19.03
C GLU A 247 23.44 -0.48 -19.97
N ALA A 248 22.34 -1.06 -19.49
CA ALA A 248 21.26 -1.47 -20.39
C ALA A 248 20.34 -0.31 -20.68
N ILE A 249 19.98 -0.16 -21.95
CA ILE A 249 19.13 0.94 -22.40
C ILE A 249 17.86 0.35 -22.99
N ALA A 250 16.70 0.63 -22.39
CA ALA A 250 15.45 0.13 -22.92
C ALA A 250 15.09 0.84 -24.21
N ASP A 251 14.66 0.04 -25.17
CA ASP A 251 14.19 0.53 -26.47
C ASP A 251 12.68 0.72 -26.44
N GLY A 252 11.98 -0.16 -25.73
CA GLY A 252 10.53 -0.05 -25.60
C GLY A 252 9.88 -1.20 -24.86
N VAL A 253 8.60 -1.42 -25.16
CA VAL A 253 7.79 -2.41 -24.48
C VAL A 253 7.09 -3.30 -25.50
N GLU A 254 7.13 -4.59 -25.25
CA GLU A 254 6.35 -5.56 -26.05
C GLU A 254 4.94 -5.64 -25.48
N ILE A 255 3.94 -5.64 -26.36
CA ILE A 255 2.55 -5.57 -25.91
C ILE A 255 1.67 -6.57 -26.65
N THR A 256 0.64 -7.04 -25.96
CA THR A 256 -0.45 -7.80 -26.58
C THR A 256 -1.74 -7.02 -26.48
N SER A 257 -2.34 -6.76 -27.64
CA SER A 257 -3.62 -6.05 -27.70
C SER A 257 -4.79 -7.00 -27.52
N ALA A 258 -6.00 -6.45 -27.40
CA ALA A 258 -7.20 -7.24 -27.16
C ALA A 258 -7.51 -8.10 -28.38
N ASP A 259 -7.26 -7.55 -29.56
CA ASP A 259 -7.48 -8.27 -30.81
C ASP A 259 -6.44 -9.38 -30.98
N GLY A 260 -5.48 -9.44 -30.07
CA GLY A 260 -4.51 -10.53 -30.04
C GLY A 260 -3.23 -10.24 -30.81
N LYS A 261 -3.14 -9.04 -31.36
CA LYS A 261 -1.92 -8.61 -32.04
C LYS A 261 -0.82 -8.44 -31.00
N VAL A 262 0.36 -8.97 -31.32
CA VAL A 262 1.53 -8.83 -30.46
C VAL A 262 2.57 -7.98 -31.16
N THR A 263 2.93 -6.83 -30.59
CA THR A 263 3.74 -5.84 -31.28
C THR A 263 4.66 -5.11 -30.31
N ARG A 264 5.42 -4.15 -30.82
CA ARG A 264 6.29 -3.32 -30.01
C ARG A 264 5.94 -1.85 -30.10
N VAL A 265 6.07 -1.16 -28.97
CA VAL A 265 6.12 0.30 -28.95
C VAL A 265 7.47 0.76 -28.40
N HIS A 266 7.95 1.88 -28.90
CA HIS A 266 9.28 2.35 -28.59
C HIS A 266 9.25 3.63 -27.79
N ALA A 267 10.21 3.76 -26.88
CA ALA A 267 10.37 4.96 -26.06
C ALA A 267 11.67 5.67 -26.41
N LYS A 268 11.58 6.96 -26.70
CA LYS A 268 12.76 7.74 -27.02
C LYS A 268 13.57 8.10 -25.78
N LYS A 269 12.88 8.32 -24.66
CA LYS A 269 13.54 8.73 -23.44
C LYS A 269 13.55 7.61 -22.41
N GLU A 270 12.40 7.34 -21.80
CA GLU A 270 12.37 6.42 -20.66
C GLU A 270 11.15 5.53 -20.67
N VAL A 271 11.30 4.36 -20.05
CA VAL A 271 10.17 3.50 -19.71
C VAL A 271 9.93 3.53 -18.20
N ILE A 272 8.69 3.85 -17.82
CA ILE A 272 8.30 3.94 -16.43
CA ILE A 272 8.31 3.93 -16.43
C ILE A 272 7.36 2.78 -16.12
N ILE A 273 7.76 1.92 -15.20
CA ILE A 273 6.98 0.74 -14.88
C ILE A 273 6.16 0.99 -13.62
N SER A 274 4.84 0.89 -13.77
CA SER A 274 3.87 1.26 -12.72
C SER A 274 2.75 0.23 -12.67
N ALA A 275 3.12 -1.05 -12.74
CA ALA A 275 2.17 -2.15 -12.87
C ALA A 275 1.73 -2.70 -11.51
N GLY A 276 2.22 -2.09 -10.43
CA GLY A 276 1.89 -2.51 -9.08
C GLY A 276 2.94 -3.45 -8.49
N ALA A 277 2.96 -3.53 -7.16
CA ALA A 277 3.97 -4.31 -6.46
C ALA A 277 3.95 -5.80 -6.80
N LEU A 278 2.82 -6.29 -7.34
CA LEU A 278 2.68 -7.70 -7.70
C LEU A 278 2.86 -7.94 -9.20
N ARG A 279 3.30 -6.94 -9.95
CA ARG A 279 3.52 -7.11 -11.39
C ARG A 279 4.80 -6.45 -11.88
N SER A 280 5.12 -5.25 -11.39
CA SER A 280 6.31 -4.56 -11.83
C SER A 280 7.57 -5.44 -11.72
N PRO A 281 7.77 -6.15 -10.60
CA PRO A 281 8.94 -7.03 -10.56
C PRO A 281 8.90 -8.16 -11.58
N LEU A 282 7.72 -8.68 -11.88
CA LEU A 282 7.57 -9.72 -12.91
C LEU A 282 7.97 -9.18 -14.27
N ILE A 283 7.55 -7.96 -14.59
CA ILE A 283 7.93 -7.34 -15.85
C ILE A 283 9.43 -7.17 -15.97
N LEU A 284 10.08 -6.78 -14.87
CA LEU A 284 11.52 -6.69 -14.82
C LEU A 284 12.15 -8.05 -15.09
N GLU A 285 11.70 -9.07 -14.38
CA GLU A 285 12.23 -10.43 -14.59
C GLU A 285 12.06 -10.87 -16.05
N LEU A 286 10.87 -10.66 -16.61
CA LEU A 286 10.59 -11.08 -18.01
C LEU A 286 11.49 -10.32 -18.99
N SER A 287 11.96 -9.15 -18.55
CA SER A 287 12.85 -8.31 -19.34
C SER A 287 14.33 -8.64 -19.12
N GLY A 288 14.63 -9.66 -18.32
CA GLY A 288 16.01 -10.03 -18.06
C GLY A 288 16.66 -9.26 -16.93
N VAL A 289 15.85 -8.57 -16.15
CA VAL A 289 16.36 -7.84 -14.99
C VAL A 289 15.92 -8.54 -13.71
N GLY A 290 16.87 -9.17 -13.04
CA GLY A 290 16.53 -9.98 -11.87
C GLY A 290 17.60 -10.98 -11.52
N ASN A 291 17.19 -11.99 -10.77
CA ASN A 291 18.07 -13.06 -10.32
C ASN A 291 18.37 -14.03 -11.47
N PRO A 292 19.63 -14.08 -11.90
CA PRO A 292 19.97 -14.87 -13.09
C PRO A 292 19.59 -16.35 -12.94
N THR A 293 19.64 -16.86 -11.72
CA THR A 293 19.24 -18.24 -11.46
C THR A 293 17.81 -18.49 -11.92
N ILE A 294 16.92 -17.58 -11.55
CA ILE A 294 15.50 -17.68 -11.91
C ILE A 294 15.28 -17.39 -13.40
N LEU A 295 15.97 -16.40 -13.93
CA LEU A 295 15.83 -16.07 -15.32
C LEU A 295 16.28 -17.25 -16.19
N LYS A 296 17.44 -17.82 -15.86
CA LYS A 296 17.99 -18.94 -16.62
C LYS A 296 17.07 -20.17 -16.55
N LYS A 297 16.57 -20.46 -15.36
CA LYS A 297 15.59 -21.54 -15.19
C LYS A 297 14.38 -21.38 -16.11
N ASN A 298 14.01 -20.14 -16.39
CA ASN A 298 12.84 -19.86 -17.19
C ASN A 298 13.16 -19.46 -18.63
N ASN A 299 14.37 -19.77 -19.06
CA ASN A 299 14.79 -19.54 -20.45
C ASN A 299 14.69 -18.07 -20.87
N ILE A 300 15.16 -17.20 -19.98
CA ILE A 300 15.29 -15.76 -20.25
C ILE A 300 16.76 -15.38 -20.16
N THR A 301 17.25 -14.66 -21.17
CA THR A 301 18.63 -14.20 -21.13
C THR A 301 18.76 -13.07 -20.09
N PRO A 302 19.67 -13.25 -19.12
CA PRO A 302 19.94 -12.18 -18.16
C PRO A 302 20.53 -10.94 -18.82
N ARG A 303 19.98 -9.78 -18.47
CA ARG A 303 20.46 -8.51 -19.01
C ARG A 303 21.03 -7.63 -17.90
N VAL A 304 20.42 -7.71 -16.71
CA VAL A 304 20.97 -7.09 -15.52
C VAL A 304 20.85 -8.04 -14.35
N ASP A 305 22.00 -8.30 -13.72
CA ASP A 305 22.08 -9.16 -12.54
C ASP A 305 21.66 -8.39 -11.29
N LEU A 306 20.39 -8.53 -10.92
CA LEU A 306 19.78 -7.74 -9.84
C LEU A 306 18.87 -8.64 -9.02
N PRO A 307 19.47 -9.48 -8.18
CA PRO A 307 18.78 -10.68 -7.73
C PRO A 307 17.71 -10.43 -6.67
N THR A 308 17.59 -9.18 -6.21
CA THR A 308 16.55 -8.85 -5.25
C THR A 308 15.28 -8.27 -5.92
N VAL A 309 15.23 -8.25 -7.26
CA VAL A 309 13.94 -8.05 -7.92
C VAL A 309 12.96 -9.12 -7.44
N GLY A 310 11.82 -8.66 -6.91
CA GLY A 310 10.81 -9.56 -6.36
C GLY A 310 11.01 -9.94 -4.90
N GLU A 311 12.17 -9.62 -4.33
CA GLU A 311 12.44 -9.91 -2.93
C GLU A 311 11.98 -8.72 -2.07
N ASN A 312 12.05 -8.88 -0.75
CA ASN A 312 11.65 -7.86 0.21
C ASN A 312 10.18 -7.44 0.15
N LEU A 313 9.34 -8.37 -0.32
CA LEU A 313 7.89 -8.18 -0.24
CA LEU A 313 7.89 -8.20 -0.24
C LEU A 313 7.45 -8.10 1.20
N GLN A 314 6.74 -7.02 1.51
CA GLN A 314 6.20 -6.77 2.84
C GLN A 314 4.72 -6.42 2.71
N ASP A 315 3.88 -7.16 3.42
CA ASP A 315 2.44 -6.92 3.44
C ASP A 315 1.95 -7.05 4.88
N GLN A 316 0.73 -6.56 5.09
CA GLN A 316 0.02 -6.69 6.34
C GLN A 316 -1.12 -7.70 6.19
N PHE A 317 -1.64 -8.17 7.32
CA PHE A 317 -2.82 -9.00 7.30
C PHE A 317 -3.91 -8.45 8.20
N ASN A 318 -5.14 -8.72 7.77
CA ASN A 318 -6.33 -8.02 8.21
C ASN A 318 -7.25 -9.03 8.91
N ASN A 319 -7.76 -8.64 10.06
CA ASN A 319 -8.77 -9.40 10.77
C ASN A 319 -9.96 -8.53 11.12
N GLY A 320 -11.04 -9.17 11.56
CA GLY A 320 -12.25 -8.45 11.92
C GLY A 320 -12.85 -8.95 13.20
N MET A 321 -13.50 -8.02 13.91
CA MET A 321 -14.33 -8.36 15.06
C MET A 321 -15.66 -7.64 14.93
N ALA A 322 -16.62 -7.96 15.81
CA ALA A 322 -17.92 -7.35 15.74
C ALA A 322 -18.60 -7.40 17.09
N GLY A 323 -19.54 -6.47 17.28
CA GLY A 323 -20.43 -6.50 18.42
C GLY A 323 -21.87 -6.21 18.04
N GLU A 324 -22.76 -6.38 19.02
CA GLU A 324 -24.19 -6.15 18.83
C GLU A 324 -24.67 -5.10 19.84
N GLY A 325 -25.36 -4.08 19.36
CA GLY A 325 -25.92 -3.07 20.23
C GLY A 325 -27.22 -3.53 20.86
N TYR A 326 -27.58 -2.94 22.00
CA TYR A 326 -28.93 -3.05 22.55
C TYR A 326 -29.95 -2.52 21.57
N GLY A 327 -29.58 -1.48 20.84
CA GLY A 327 -30.42 -0.95 19.78
C GLY A 327 -29.62 -0.60 18.54
N VAL A 328 -30.25 0.17 17.66
CA VAL A 328 -29.64 0.54 16.40
C VAL A 328 -28.40 1.40 16.65
N LEU A 329 -27.36 1.15 15.85
CA LEU A 329 -26.09 1.84 15.99
C LEU A 329 -25.87 2.68 14.75
N ALA A 330 -25.46 3.92 14.94
CA ALA A 330 -25.26 4.82 13.81
C ALA A 330 -24.15 5.83 14.09
N GLY A 331 -23.57 6.34 13.02
CA GLY A 331 -22.66 7.46 13.14
C GLY A 331 -21.53 7.39 12.13
N ALA A 332 -20.60 8.32 12.26
CA ALA A 332 -19.47 8.42 11.35
C ALA A 332 -18.55 7.20 11.53
N SER A 333 -17.97 6.73 10.44
CA SER A 333 -16.89 5.77 10.51
C SER A 333 -15.61 6.43 11.07
N THR A 334 -14.86 5.66 11.84
CA THR A 334 -13.73 6.17 12.62
C THR A 334 -12.49 5.34 12.37
N VAL A 335 -11.33 5.96 12.52
CA VAL A 335 -10.09 5.22 12.51
C VAL A 335 -9.32 5.57 13.77
N THR A 336 -8.65 4.57 14.31
CA THR A 336 -7.78 4.75 15.47
C THR A 336 -6.42 4.14 15.15
N TYR A 337 -5.39 4.92 15.46
CA TYR A 337 -4.01 4.53 15.25
C TYR A 337 -3.28 4.52 16.61
N PRO A 338 -3.37 3.41 17.33
CA PRO A 338 -2.72 3.33 18.63
C PRO A 338 -1.25 2.94 18.54
N SER A 339 -0.44 3.46 19.46
CA SER A 339 0.93 3.04 19.62
C SER A 339 1.07 1.72 20.38
N ILE A 340 2.30 1.22 20.46
CA ILE A 340 2.54 -0.05 21.14
C ILE A 340 2.10 0.02 22.61
N SER A 341 2.33 1.15 23.26
CA SER A 341 1.93 1.30 24.67
C SER A 341 0.44 1.54 24.84
N ASP A 342 -0.21 2.18 23.86
CA ASP A 342 -1.68 2.26 23.85
C ASP A 342 -2.29 0.84 23.80
N VAL A 343 -1.75 -0.03 22.95
CA VAL A 343 -2.31 -1.38 22.80
C VAL A 343 -2.02 -2.26 24.00
N PHE A 344 -0.77 -2.22 24.46
CA PHE A 344 -0.32 -3.21 25.43
C PHE A 344 -0.34 -2.74 26.89
N GLY A 345 -0.47 -1.44 27.12
CA GLY A 345 -0.57 -0.93 28.49
C GLY A 345 0.53 -1.44 29.40
N ASN A 346 0.15 -2.02 30.55
CA ASN A 346 1.11 -2.46 31.57
C ASN A 346 2.04 -3.56 31.07
N GLU A 347 1.67 -4.21 29.96
CA GLU A 347 2.48 -5.29 29.38
C GLU A 347 3.53 -4.82 28.36
N THR A 348 3.58 -3.52 28.09
CA THR A 348 4.41 -3.00 27.01
C THR A 348 5.90 -3.35 27.21
N ASP A 349 6.42 -3.14 28.41
CA ASP A 349 7.84 -3.38 28.66
C ASP A 349 8.23 -4.82 28.32
N SER A 350 7.37 -5.77 28.70
CA SER A 350 7.61 -7.16 28.42
C SER A 350 7.63 -7.44 26.92
N ILE A 351 6.65 -6.89 26.21
CA ILE A 351 6.55 -7.07 24.76
C ILE A 351 7.79 -6.50 24.04
N VAL A 352 8.23 -5.32 24.46
CA VAL A 352 9.39 -4.69 23.86
C VAL A 352 10.67 -5.49 24.13
N ALA A 353 10.83 -5.97 25.36
CA ALA A 353 12.01 -6.76 25.69
C ALA A 353 12.07 -8.02 24.84
N SER A 354 10.94 -8.69 24.70
CA SER A 354 10.87 -9.89 23.90
C SER A 354 11.24 -9.58 22.44
N LEU A 355 10.63 -8.54 21.88
CA LEU A 355 10.91 -8.21 20.48
C LEU A 355 12.38 -7.85 20.30
N ARG A 356 12.91 -7.02 21.18
CA ARG A 356 14.32 -6.64 21.18
CA ARG A 356 14.31 -6.65 21.09
C ARG A 356 15.21 -7.87 21.05
N SER A 357 14.87 -8.88 21.85
CA SER A 357 15.69 -10.10 21.98
C SER A 357 15.57 -10.99 20.75
N GLN A 358 14.64 -10.67 19.86
CA GLN A 358 14.35 -11.50 18.70
C GLN A 358 14.82 -10.92 17.36
N LEU A 359 15.18 -9.63 17.33
CA LEU A 359 15.48 -8.97 16.06
C LEU A 359 16.53 -9.67 15.23
N SER A 360 17.65 -10.05 15.88
CA SER A 360 18.74 -10.71 15.18
CA SER A 360 18.72 -10.69 15.15
C SER A 360 18.30 -12.05 14.61
N ASP A 361 17.49 -12.78 15.39
CA ASP A 361 16.92 -14.05 14.96
C ASP A 361 15.99 -13.86 13.76
N TYR A 362 15.21 -12.79 13.77
CA TYR A 362 14.33 -12.54 12.62
C TYR A 362 15.18 -12.31 11.38
N ALA A 363 16.23 -11.50 11.53
CA ALA A 363 17.11 -11.19 10.39
C ALA A 363 17.76 -12.46 9.87
N ALA A 364 18.28 -13.30 10.77
CA ALA A 364 18.90 -14.56 10.34
C ALA A 364 17.91 -15.41 9.55
N ALA A 365 16.68 -15.44 10.02
CA ALA A 365 15.64 -16.28 9.41
C ALA A 365 15.17 -15.75 8.07
N THR A 366 15.32 -14.45 7.84
CA THR A 366 14.89 -13.84 6.60
C THR A 366 15.86 -14.10 5.44
N VAL A 367 17.12 -14.35 5.75
CA VAL A 367 18.12 -14.62 4.74
C VAL A 367 17.69 -15.69 3.75
N LYS A 368 17.14 -16.80 4.25
CA LYS A 368 16.77 -17.91 3.36
C LYS A 368 15.65 -17.56 2.38
N VAL A 369 14.85 -16.57 2.72
CA VAL A 369 13.72 -16.20 1.86
C VAL A 369 14.21 -15.79 0.49
N SER A 370 15.31 -15.03 0.46
CA SER A 370 15.89 -14.58 -0.80
C SER A 370 17.01 -15.50 -1.24
N ASN A 371 17.04 -16.72 -0.69
CA ASN A 371 18.13 -17.65 -0.99
C ASN A 371 19.52 -17.02 -0.83
N GLY A 372 19.67 -16.18 0.18
CA GLY A 372 20.99 -15.70 0.61
C GLY A 372 21.38 -14.37 -0.02
N HIS A 373 20.48 -13.80 -0.81
CA HIS A 373 20.79 -12.57 -1.55
C HIS A 373 20.60 -11.29 -0.75
N MET A 374 19.99 -11.41 0.42
CA MET A 374 20.15 -10.40 1.46
C MET A 374 21.01 -11.00 2.55
N LYS A 375 21.84 -10.16 3.15
CA LYS A 375 22.76 -10.60 4.19
C LYS A 375 22.22 -10.30 5.58
N GLN A 376 22.50 -11.18 6.53
CA GLN A 376 21.94 -11.07 7.87
CA GLN A 376 21.93 -11.07 7.87
C GLN A 376 22.24 -9.72 8.49
N GLU A 377 23.47 -9.25 8.30
CA GLU A 377 23.93 -8.05 8.97
C GLU A 377 23.09 -6.86 8.46
N ASP A 378 22.75 -6.89 7.19
CA ASP A 378 22.01 -5.80 6.56
C ASP A 378 20.52 -5.85 6.93
N LEU A 379 19.97 -7.05 6.97
CA LEU A 379 18.61 -7.22 7.48
C LEU A 379 18.49 -6.78 8.94
N GLU A 380 19.50 -7.08 9.75
CA GLU A 380 19.48 -6.70 11.15
C GLU A 380 19.39 -5.17 11.27
N ARG A 381 20.12 -4.47 10.43
CA ARG A 381 20.07 -3.02 10.48
CA ARG A 381 20.10 -3.01 10.41
C ARG A 381 18.73 -2.49 10.01
N LEU A 382 18.14 -3.11 8.99
CA LEU A 382 16.81 -2.74 8.55
C LEU A 382 15.78 -2.95 9.66
N TYR A 383 15.86 -4.09 10.34
CA TYR A 383 14.91 -4.41 11.39
C TYR A 383 15.10 -3.51 12.61
N GLN A 384 16.35 -3.09 12.87
CA GLN A 384 16.60 -2.13 13.94
CA GLN A 384 16.62 -2.13 13.94
C GLN A 384 15.93 -0.78 13.66
N LEU A 385 15.97 -0.34 12.40
CA LEU A 385 15.25 0.88 12.03
C LEU A 385 13.77 0.74 12.34
N GLN A 386 13.18 -0.38 11.96
CA GLN A 386 11.76 -0.59 12.20
C GLN A 386 11.45 -0.71 13.70
N PHE A 387 12.27 -1.44 14.43
CA PHE A 387 12.15 -1.52 15.88
C PHE A 387 12.16 -0.12 16.51
N ASP A 388 13.10 0.72 16.10
CA ASP A 388 13.19 2.06 16.68
C ASP A 388 11.93 2.90 16.40
N LEU A 389 11.39 2.77 15.20
CA LEU A 389 10.13 3.43 14.90
C LEU A 389 9.02 3.00 15.87
N ILE A 390 8.91 1.69 16.10
CA ILE A 390 7.86 1.15 16.96
C ILE A 390 8.04 1.56 18.43
N VAL A 391 9.28 1.45 18.91
CA VAL A 391 9.57 1.52 20.34
C VAL A 391 10.06 2.89 20.80
N LYS A 392 10.97 3.51 20.07
CA LYS A 392 11.54 4.78 20.45
C LYS A 392 10.68 5.95 19.98
N ASP A 393 10.18 5.87 18.74
CA ASP A 393 9.33 6.94 18.19
C ASP A 393 7.84 6.71 18.47
N LYS A 394 7.48 5.49 18.88
CA LYS A 394 6.10 5.18 19.21
C LYS A 394 5.16 5.47 18.04
N VAL A 395 5.55 5.08 16.83
CA VAL A 395 4.64 5.20 15.70
C VAL A 395 3.49 4.23 15.92
N PRO A 396 2.34 4.51 15.31
CA PRO A 396 1.26 3.57 15.49
C PRO A 396 1.65 2.14 15.08
N ILE A 397 1.18 1.15 15.83
CA ILE A 397 1.39 -0.24 15.46
C ILE A 397 0.15 -0.92 14.90
N ALA A 398 -0.98 -0.22 14.91
CA ALA A 398 -2.24 -0.80 14.45
C ALA A 398 -3.07 0.27 13.73
N GLU A 399 -3.87 -0.16 12.77
CA GLU A 399 -5.06 0.57 12.38
C GLU A 399 -6.29 -0.19 12.82
N ILE A 400 -7.22 0.53 13.44
CA ILE A 400 -8.50 -0.03 13.83
C ILE A 400 -9.61 0.80 13.24
N LEU A 401 -10.38 0.18 12.36
CA LEU A 401 -11.57 0.83 11.81
C LEU A 401 -12.81 0.37 12.54
N PHE A 402 -13.70 1.32 12.78
CA PHE A 402 -15.01 1.01 13.29
C PHE A 402 -16.05 1.62 12.37
N HIS A 403 -17.09 0.86 12.09
CA HIS A 403 -18.24 1.45 11.43
C HIS A 403 -19.50 0.74 11.83
N PRO A 404 -20.62 1.43 11.74
CA PRO A 404 -21.91 0.73 11.82
C PRO A 404 -21.93 -0.43 10.84
N GLY A 405 -22.50 -1.56 11.27
CA GLY A 405 -22.50 -2.76 10.44
C GLY A 405 -23.90 -3.11 9.95
N GLY A 406 -24.80 -2.15 10.08
CA GLY A 406 -26.22 -2.35 9.75
C GLY A 406 -27.03 -2.80 10.95
N GLY A 407 -28.09 -2.05 11.24
CA GLY A 407 -28.99 -2.39 12.34
C GLY A 407 -28.32 -2.20 13.68
N ASN A 408 -28.34 -3.24 14.51
CA ASN A 408 -27.68 -3.14 15.81
C ASN A 408 -26.22 -3.61 15.76
N ALA A 409 -25.69 -3.85 14.57
CA ALA A 409 -24.33 -4.40 14.42
C ALA A 409 -23.29 -3.30 14.38
N VAL A 410 -22.15 -3.57 14.99
CA VAL A 410 -20.96 -2.73 14.84
C VAL A 410 -19.82 -3.63 14.38
N SER A 411 -19.08 -3.16 13.38
CA SER A 411 -17.99 -3.92 12.78
C SER A 411 -16.68 -3.20 13.04
N SER A 412 -15.64 -3.99 13.33
CA SER A 412 -14.30 -3.47 13.38
C SER A 412 -13.42 -4.31 12.46
N GLU A 413 -12.55 -3.64 11.72
CA GLU A 413 -11.49 -4.33 11.03
C GLU A 413 -10.18 -3.70 11.44
N PHE A 414 -9.14 -4.51 11.50
CA PHE A 414 -7.90 -4.04 12.07
C PHE A 414 -6.73 -4.81 11.49
N TRP A 415 -5.55 -4.19 11.58
CA TRP A 415 -4.32 -4.84 11.15
C TRP A 415 -3.11 -4.23 11.85
N GLY A 416 -2.18 -5.10 12.22
CA GLY A 416 -0.86 -4.69 12.62
C GLY A 416 -0.18 -3.99 11.46
N LEU A 417 0.39 -2.83 11.72
CA LEU A 417 0.93 -1.99 10.67
C LEU A 417 2.34 -2.39 10.23
N LEU A 418 3.14 -2.89 11.15
CA LEU A 418 4.56 -3.11 10.94
C LEU A 418 5.01 -4.51 11.39
N PRO A 419 4.47 -5.54 10.77
CA PRO A 419 5.07 -6.87 10.92
C PRO A 419 6.47 -6.94 10.32
N PHE A 420 7.25 -7.92 10.75
CA PHE A 420 8.62 -8.08 10.30
C PHE A 420 8.76 -9.10 9.17
N ALA A 421 7.73 -9.90 8.94
CA ALA A 421 7.80 -10.93 7.88
C ALA A 421 8.13 -10.31 6.52
N ARG A 422 9.09 -10.90 5.83
CA ARG A 422 9.33 -10.61 4.41
C ARG A 422 9.17 -11.85 3.55
N GLY A 423 8.61 -11.64 2.37
CA GLY A 423 8.48 -12.71 1.38
C GLY A 423 9.01 -12.28 0.03
N ASN A 424 8.43 -12.86 -1.02
CA ASN A 424 8.87 -12.54 -2.35
C ASN A 424 7.82 -12.92 -3.37
N ILE A 425 8.06 -12.44 -4.58
CA ILE A 425 7.26 -12.81 -5.74
C ILE A 425 8.21 -13.04 -6.90
N HIS A 426 7.93 -14.08 -7.68
CA HIS A 426 8.75 -14.41 -8.84
C HIS A 426 7.89 -15.02 -9.94
N ILE A 427 8.30 -14.80 -11.18
CA ILE A 427 7.68 -15.50 -12.30
C ILE A 427 7.72 -17.01 -12.13
N SER A 428 6.73 -17.68 -12.72
CA SER A 428 6.69 -19.13 -12.76
CA SER A 428 6.72 -19.14 -12.75
C SER A 428 7.04 -19.67 -14.14
N SER A 429 7.18 -18.77 -15.10
CA SER A 429 7.51 -19.14 -16.48
C SER A 429 7.76 -17.85 -17.25
N ASN A 430 8.22 -17.94 -18.49
CA ASN A 430 8.40 -16.75 -19.32
C ASN A 430 7.13 -16.37 -20.08
N ASP A 431 6.04 -17.11 -19.84
CA ASP A 431 4.73 -16.71 -20.35
C ASP A 431 4.15 -15.63 -19.46
N PRO A 432 3.96 -14.41 -19.99
CA PRO A 432 3.46 -13.28 -19.21
C PRO A 432 2.09 -13.50 -18.56
N THR A 433 1.31 -14.45 -19.08
CA THR A 433 -0.01 -14.73 -18.51
C THR A 433 0.01 -15.75 -17.38
N ALA A 434 1.14 -16.41 -17.17
CA ALA A 434 1.23 -17.47 -16.15
C ALA A 434 1.22 -16.85 -14.76
N PRO A 435 0.45 -17.45 -13.83
CA PRO A 435 0.44 -16.88 -12.49
C PRO A 435 1.79 -16.96 -11.79
N ALA A 436 2.16 -15.89 -11.12
CA ALA A 436 3.43 -15.83 -10.42
C ALA A 436 3.36 -16.67 -9.15
N ALA A 437 4.53 -16.98 -8.60
CA ALA A 437 4.64 -17.50 -7.25
C ALA A 437 4.77 -16.34 -6.28
N ILE A 438 3.71 -16.15 -5.51
CA ILE A 438 3.62 -15.00 -4.62
C ILE A 438 3.58 -15.49 -3.18
N ASN A 439 4.53 -15.06 -2.37
CA ASN A 439 4.65 -15.57 -1.00
C ASN A 439 4.95 -14.49 0.03
N PRO A 440 3.91 -13.94 0.68
CA PRO A 440 4.17 -12.83 1.63
C PRO A 440 4.74 -13.27 2.97
N ASN A 441 4.72 -14.57 3.23
CA ASN A 441 5.13 -15.13 4.52
C ASN A 441 4.35 -14.57 5.71
N TYR A 442 3.03 -14.46 5.57
CA TYR A 442 2.21 -13.98 6.70
C TYR A 442 2.44 -14.82 7.97
N PHE A 443 2.57 -14.13 9.09
CA PHE A 443 2.77 -14.73 10.42
C PHE A 443 4.16 -15.34 10.60
N MET A 444 5.11 -14.98 9.75
CA MET A 444 6.42 -15.61 9.86
C MET A 444 7.07 -15.42 11.22
N PHE A 445 6.92 -14.22 11.80
CA PHE A 445 7.61 -13.89 13.05
C PHE A 445 6.64 -13.66 14.22
N GLU A 446 7.12 -13.96 15.42
CA GLU A 446 6.29 -13.94 16.61
C GLU A 446 5.60 -12.60 16.82
N TRP A 447 6.35 -11.51 16.69
CA TRP A 447 5.79 -10.17 16.84
C TRP A 447 4.56 -9.98 15.98
N ASP A 448 4.61 -10.51 14.76
CA ASP A 448 3.57 -10.22 13.77
C ASP A 448 2.21 -10.72 14.28
N GLY A 449 2.21 -11.95 14.79
CA GLY A 449 1.00 -12.52 15.41
C GLY A 449 0.68 -12.02 16.80
N LYS A 450 1.70 -11.82 17.64
CA LYS A 450 1.50 -11.33 19.00
C LYS A 450 0.91 -9.92 19.01
N SER A 451 1.40 -9.06 18.12
CA SER A 451 0.84 -7.72 17.99
C SER A 451 -0.60 -7.77 17.47
N GLN A 452 -0.86 -8.61 16.48
CA GLN A 452 -2.24 -8.76 16.02
C GLN A 452 -3.16 -9.17 17.16
N ALA A 453 -2.71 -10.13 17.96
CA ALA A 453 -3.49 -10.61 19.10
C ALA A 453 -3.70 -9.51 20.14
N GLY A 454 -2.68 -8.70 20.34
CA GLY A 454 -2.78 -7.61 21.29
C GLY A 454 -3.80 -6.59 20.82
N ILE A 455 -3.80 -6.31 19.53
CA ILE A 455 -4.79 -5.42 18.95
C ILE A 455 -6.21 -5.98 19.13
N ALA A 456 -6.38 -7.27 18.87
CA ALA A 456 -7.68 -7.92 19.00
C ALA A 456 -8.18 -7.88 20.44
N LYS A 457 -7.30 -8.16 21.39
CA LYS A 457 -7.67 -8.09 22.79
C LYS A 457 -8.01 -6.68 23.20
N TYR A 458 -7.30 -5.71 22.65
CA TYR A 458 -7.58 -4.31 22.88
C TYR A 458 -8.98 -3.94 22.40
N ILE A 459 -9.38 -4.44 21.22
CA ILE A 459 -10.71 -4.14 20.70
C ILE A 459 -11.78 -4.82 21.57
N ARG A 460 -11.50 -6.04 22.00
CA ARG A 460 -12.40 -6.72 22.93
C ARG A 460 -12.66 -5.85 24.13
N LYS A 461 -11.60 -5.24 24.65
CA LYS A 461 -11.70 -4.41 25.85
C LYS A 461 -12.48 -3.13 25.57
N ILE A 462 -12.15 -2.48 24.45
CA ILE A 462 -12.87 -1.29 24.01
C ILE A 462 -14.38 -1.53 23.94
N LEU A 463 -14.79 -2.66 23.36
CA LEU A 463 -16.22 -2.98 23.23
C LEU A 463 -16.89 -3.12 24.60
N ARG A 464 -16.09 -3.37 25.64
CA ARG A 464 -16.59 -3.59 27.01
C ARG A 464 -16.32 -2.40 27.94
N SER A 465 -15.90 -1.28 27.36
CA SER A 465 -15.48 -0.11 28.13
C SER A 465 -16.47 1.06 27.98
N ALA A 466 -16.51 1.94 28.97
CA ALA A 466 -17.48 3.04 28.98
C ALA A 466 -16.93 4.24 28.23
N PRO A 467 -17.82 5.00 27.57
CA PRO A 467 -19.26 4.81 27.53
C PRO A 467 -19.78 3.84 26.49
N LEU A 468 -18.88 3.27 25.69
CA LEU A 468 -19.34 2.42 24.59
C LEU A 468 -20.15 1.23 25.09
N ASN A 469 -19.84 0.75 26.29
CA ASN A 469 -20.47 -0.46 26.81
C ASN A 469 -21.94 -0.23 27.15
N LYS A 470 -22.35 1.03 27.19
CA LYS A 470 -23.77 1.35 27.36
C LYS A 470 -24.55 1.13 26.05
N LEU A 471 -23.85 1.11 24.93
CA LEU A 471 -24.47 0.90 23.63
C LEU A 471 -24.37 -0.56 23.19
N ILE A 472 -23.34 -1.25 23.68
CA ILE A 472 -22.98 -2.55 23.13
C ILE A 472 -23.34 -3.65 24.11
N ALA A 473 -24.23 -4.55 23.70
CA ALA A 473 -24.72 -5.61 24.56
C ALA A 473 -23.67 -6.70 24.70
N LYS A 474 -22.96 -7.00 23.61
CA LYS A 474 -22.05 -8.12 23.61
C LYS A 474 -21.16 -8.14 22.38
N GLU A 475 -20.05 -8.85 22.49
CA GLU A 475 -19.20 -9.15 21.37
C GLU A 475 -19.78 -10.36 20.62
N THR A 476 -19.87 -10.25 19.31
CA THR A 476 -20.36 -11.32 18.47
C THR A 476 -19.28 -12.02 17.63
N LYS A 477 -18.15 -11.37 17.41
CA LYS A 477 -17.08 -12.00 16.67
C LYS A 477 -15.75 -11.56 17.28
N PRO A 478 -14.95 -12.53 17.77
CA PRO A 478 -15.20 -13.97 17.81
C PRO A 478 -16.30 -14.34 18.79
N GLY A 479 -16.47 -13.51 19.81
CA GLY A 479 -17.42 -13.81 20.89
C GLY A 479 -16.77 -14.68 21.96
N LEU A 480 -17.39 -14.67 23.13
CA LEU A 480 -16.80 -15.27 24.32
C LEU A 480 -16.87 -16.78 24.31
N SER A 481 -17.81 -17.34 23.55
CA SER A 481 -17.87 -18.79 23.45
C SER A 481 -16.66 -19.32 22.68
N GLU A 482 -16.33 -18.64 21.58
CA GLU A 482 -15.21 -19.05 20.75
C GLU A 482 -13.85 -18.76 21.39
N ILE A 483 -13.69 -17.57 21.96
CA ILE A 483 -12.51 -17.23 22.73
C ILE A 483 -12.93 -16.68 24.10
N PRO A 484 -12.86 -17.52 25.13
CA PRO A 484 -13.28 -17.12 26.47
C PRO A 484 -12.50 -15.94 27.01
N ALA A 485 -13.05 -15.30 28.04
CA ALA A 485 -12.43 -14.12 28.62
C ALA A 485 -11.08 -14.49 29.23
N THR A 486 -10.94 -15.74 29.68
CA THR A 486 -9.70 -16.16 30.31
C THR A 486 -8.60 -16.54 29.32
N ALA A 487 -8.85 -16.29 28.02
CA ALA A 487 -8.04 -16.91 26.97
C ALA A 487 -6.63 -16.32 26.85
N ALA A 488 -5.66 -17.18 26.52
CA ALA A 488 -4.27 -16.75 26.43
C ALA A 488 -3.99 -16.14 25.07
N ASP A 489 -2.80 -15.59 24.94
CA ASP A 489 -2.36 -15.02 23.68
C ASP A 489 -2.56 -16.03 22.54
N GLU A 490 -2.25 -17.29 22.81
CA GLU A 490 -2.09 -18.22 21.73
C GLU A 490 -3.43 -18.58 21.09
N LYS A 491 -4.48 -18.65 21.89
CA LYS A 491 -5.81 -18.90 21.31
C LYS A 491 -6.19 -17.80 20.31
N TRP A 492 -5.85 -16.56 20.65
CA TRP A 492 -6.13 -15.43 19.77
C TRP A 492 -5.35 -15.56 18.45
N VAL A 493 -4.07 -15.90 18.56
CA VAL A 493 -3.25 -16.07 17.36
C VAL A 493 -3.81 -17.16 16.47
N GLU A 494 -4.20 -18.29 17.04
CA GLU A 494 -4.81 -19.38 16.28
CA GLU A 494 -4.78 -19.37 16.25
C GLU A 494 -6.06 -18.90 15.54
N TRP A 495 -6.90 -18.15 16.23
CA TRP A 495 -8.14 -17.66 15.63
C TRP A 495 -7.81 -16.67 14.50
N LEU A 496 -6.82 -15.84 14.75
CA LEU A 496 -6.47 -14.82 13.77
C LEU A 496 -5.88 -15.45 12.52
N LYS A 497 -5.06 -16.47 12.71
CA LYS A 497 -4.51 -17.24 11.58
C LYS A 497 -5.62 -17.93 10.76
N ALA A 498 -6.64 -18.43 11.44
CA ALA A 498 -7.72 -19.14 10.78
C ALA A 498 -8.59 -18.21 9.95
N ASN A 499 -8.61 -16.92 10.30
CA ASN A 499 -9.63 -16.00 9.78
C ASN A 499 -9.09 -14.76 9.09
N TYR A 500 -7.77 -14.65 8.95
CA TYR A 500 -7.20 -13.45 8.36
C TYR A 500 -7.37 -13.45 6.84
N ARG A 501 -7.21 -12.27 6.28
CA ARG A 501 -6.91 -12.13 4.87
C ARG A 501 -5.73 -11.19 4.69
N SER A 502 -5.17 -11.18 3.49
CA SER A 502 -4.25 -10.12 3.10
C SER A 502 -4.91 -8.78 3.33
N ASN A 503 -4.15 -7.82 3.85
CA ASN A 503 -4.56 -6.45 3.88
C ASN A 503 -4.33 -5.69 2.59
N PHE A 504 -3.76 -6.36 1.59
CA PHE A 504 -3.63 -5.77 0.25
C PHE A 504 -2.81 -4.49 0.26
N HIS A 505 -1.75 -4.47 1.08
CA HIS A 505 -0.79 -3.37 1.08
C HIS A 505 0.64 -3.86 0.76
N PRO A 506 0.82 -4.69 -0.28
CA PRO A 506 2.18 -5.15 -0.55
C PRO A 506 3.10 -4.02 -1.03
N VAL A 507 4.30 -3.97 -0.49
CA VAL A 507 5.35 -3.03 -0.91
C VAL A 507 6.68 -3.78 -1.04
N GLY A 508 7.68 -3.13 -1.66
CA GLY A 508 9.08 -3.49 -1.46
C GLY A 508 9.72 -4.41 -2.50
N THR A 509 8.95 -4.83 -3.50
CA THR A 509 9.38 -5.80 -4.49
C THR A 509 10.29 -5.23 -5.59
N ALA A 510 10.40 -3.89 -5.62
CA ALA A 510 11.49 -3.21 -6.34
C ALA A 510 12.00 -2.07 -5.48
N ALA A 511 12.50 -2.41 -4.31
CA ALA A 511 12.66 -1.46 -3.22
C ALA A 511 13.66 -0.37 -3.57
N MET A 512 13.31 0.87 -3.23
CA MET A 512 14.26 1.96 -3.20
C MET A 512 15.18 1.86 -1.99
N MET A 513 16.37 1.32 -2.22
CA MET A 513 17.43 1.27 -1.23
C MET A 513 18.75 1.33 -2.00
N PRO A 514 19.83 1.70 -1.31
CA PRO A 514 21.15 1.46 -1.91
C PRO A 514 21.29 0.08 -2.52
N ARG A 515 21.92 -0.01 -3.68
CA ARG A 515 22.11 -1.29 -4.34
C ARG A 515 22.85 -2.26 -3.42
N SER A 516 23.75 -1.72 -2.59
CA SER A 516 24.62 -2.55 -1.78
C SER A 516 23.90 -3.25 -0.63
N ILE A 517 22.66 -2.86 -0.34
CA ILE A 517 21.84 -3.63 0.61
C ILE A 517 20.61 -4.22 -0.05
N GLY A 518 20.71 -4.45 -1.35
CA GLY A 518 19.69 -5.19 -2.07
C GLY A 518 18.62 -4.32 -2.72
N GLY A 519 18.82 -3.01 -2.74
CA GLY A 519 17.91 -2.13 -3.47
C GLY A 519 17.81 -2.46 -4.95
N VAL A 520 16.64 -2.16 -5.50
CA VAL A 520 16.38 -2.35 -6.93
C VAL A 520 16.36 -1.03 -7.70
N VAL A 521 15.92 0.05 -7.05
CA VAL A 521 15.95 1.37 -7.65
C VAL A 521 16.71 2.36 -6.78
N ASP A 522 17.28 3.36 -7.44
CA ASP A 522 18.00 4.42 -6.74
C ASP A 522 17.05 5.49 -6.22
N ASN A 523 17.61 6.57 -5.67
CA ASN A 523 16.79 7.59 -5.03
C ASN A 523 16.00 8.45 -6.01
N ARG A 524 16.20 8.21 -7.31
CA ARG A 524 15.41 8.85 -8.33
C ARG A 524 14.54 7.81 -9.03
N LEU A 525 14.43 6.64 -8.41
CA LEU A 525 13.56 5.54 -8.87
C LEU A 525 14.03 4.86 -10.15
N ARG A 526 15.31 5.08 -10.50
CA ARG A 526 15.90 4.42 -11.65
CA ARG A 526 15.90 4.43 -11.66
CA ARG A 526 15.90 4.43 -11.66
C ARG A 526 16.35 3.02 -11.29
N VAL A 527 15.97 2.04 -12.10
CA VAL A 527 16.43 0.67 -11.90
C VAL A 527 17.93 0.54 -12.08
N TYR A 528 18.60 -0.03 -11.09
CA TYR A 528 20.03 -0.20 -11.12
C TYR A 528 20.44 -0.98 -12.36
N GLY A 529 21.52 -0.53 -12.99
CA GLY A 529 22.05 -1.22 -14.15
C GLY A 529 21.37 -0.82 -15.46
N THR A 530 20.42 0.10 -15.37
CA THR A 530 19.72 0.63 -16.56
C THR A 530 19.91 2.13 -16.65
N SER A 531 19.87 2.65 -17.89
CA SER A 531 20.03 4.07 -18.08
C SER A 531 18.69 4.81 -17.99
N ASN A 532 17.61 4.13 -18.30
CA ASN A 532 16.37 4.82 -18.64
C ASN A 532 15.10 4.05 -18.29
N VAL A 533 15.19 3.19 -17.26
CA VAL A 533 14.02 2.49 -16.75
C VAL A 533 13.80 2.88 -15.29
N ARG A 534 12.57 3.20 -14.94
CA ARG A 534 12.20 3.50 -13.55
C ARG A 534 11.03 2.62 -13.16
N VAL A 535 10.89 2.40 -11.86
CA VAL A 535 9.67 1.85 -11.28
C VAL A 535 9.08 2.94 -10.38
N VAL A 536 7.79 3.23 -10.61
CA VAL A 536 7.05 4.19 -9.79
C VAL A 536 5.71 3.62 -9.44
N ASP A 537 5.66 2.99 -8.26
CA ASP A 537 4.46 2.35 -7.69
C ASP A 537 4.87 1.77 -6.34
N ALA A 538 3.99 0.98 -5.72
CA ALA A 538 4.22 0.49 -4.37
C ALA A 538 5.44 -0.40 -4.25
N SER A 539 5.90 -0.93 -5.37
CA SER A 539 7.09 -1.77 -5.41
C SER A 539 8.27 -1.07 -4.74
N VAL A 540 8.34 0.25 -4.85
CA VAL A 540 9.56 0.92 -4.47
C VAL A 540 9.61 1.30 -3.00
N LEU A 541 8.48 1.30 -2.31
CA LEU A 541 8.50 1.60 -0.89
C LEU A 541 9.38 0.57 -0.17
N PRO A 542 10.41 1.02 0.57
CA PRO A 542 11.36 0.05 1.13
C PRO A 542 10.86 -0.59 2.42
N PHE A 543 9.95 0.10 3.11
CA PHE A 543 9.29 -0.40 4.30
C PHE A 543 7.78 -0.11 4.14
N GLN A 544 6.98 -0.81 4.93
CA GLN A 544 5.58 -0.49 5.08
C GLN A 544 5.42 0.92 5.64
N VAL A 545 4.29 1.55 5.37
CA VAL A 545 3.91 2.78 6.07
C VAL A 545 2.68 2.54 6.92
N CYS A 546 2.37 3.50 7.80
CA CYS A 546 1.29 3.29 8.77
C CYS A 546 -0.08 3.38 8.13
N GLY A 547 -0.24 4.25 7.14
CA GLY A 547 -1.59 4.57 6.65
C GLY A 547 -1.96 3.91 5.35
N HIS A 548 -3.03 4.43 4.76
CA HIS A 548 -3.59 3.88 3.54
C HIS A 548 -2.73 4.28 2.34
N LEU A 549 -2.30 3.31 1.54
CA LEU A 549 -1.19 3.53 0.62
C LEU A 549 -1.41 4.60 -0.45
N VAL A 550 -2.62 4.77 -0.99
CA VAL A 550 -2.73 5.61 -2.17
C VAL A 550 -2.23 7.03 -1.94
N SER A 551 -2.46 7.61 -0.76
CA SER A 551 -2.06 8.98 -0.52
C SER A 551 -0.53 9.12 -0.73
N THR A 552 0.19 8.13 -0.23
CA THR A 552 1.65 8.14 -0.27
C THR A 552 2.14 7.83 -1.67
N LEU A 553 1.45 6.93 -2.36
CA LEU A 553 1.84 6.61 -3.72
C LEU A 553 1.61 7.80 -4.65
N TYR A 554 0.48 8.48 -4.51
CA TYR A 554 0.29 9.74 -5.23
C TYR A 554 1.44 10.70 -4.98
N ALA A 555 1.80 10.92 -3.72
CA ALA A 555 2.88 11.83 -3.41
C ALA A 555 4.23 11.37 -4.00
N VAL A 556 4.54 10.09 -3.86
CA VAL A 556 5.79 9.55 -4.39
C VAL A 556 5.83 9.71 -5.91
N ALA A 557 4.70 9.47 -6.59
CA ALA A 557 4.68 9.63 -8.03
C ALA A 557 4.75 11.09 -8.45
N GLU A 558 4.16 12.00 -7.66
CA GLU A 558 4.30 13.43 -7.89
C GLU A 558 5.76 13.84 -7.81
N ARG A 559 6.44 13.38 -6.78
CA ARG A 559 7.86 13.72 -6.62
C ARG A 559 8.70 13.10 -7.75
N ALA A 560 8.44 11.83 -8.05
CA ALA A 560 9.13 11.13 -9.15
C ALA A 560 9.03 11.87 -10.46
N SER A 561 7.85 12.43 -10.72
CA SER A 561 7.59 13.14 -11.96
C SER A 561 8.51 14.36 -12.06
N ASP A 562 8.69 15.08 -10.97
CA ASP A 562 9.61 16.20 -10.97
C ASP A 562 11.04 15.71 -11.19
N LEU A 563 11.42 14.58 -10.60
CA LEU A 563 12.79 14.08 -10.76
C LEU A 563 13.08 13.69 -12.20
N ILE A 564 12.08 13.08 -12.85
CA ILE A 564 12.18 12.65 -14.24
C ILE A 564 12.34 13.88 -15.14
N LYS A 565 11.55 14.92 -14.87
CA LYS A 565 11.64 16.16 -15.63
C LYS A 565 13.01 16.81 -15.46
N GLU A 566 13.54 16.80 -14.24
CA GLU A 566 14.85 17.39 -13.98
C GLU A 566 15.92 16.66 -14.77
N ASP A 567 15.84 15.33 -14.77
CA ASP A 567 16.81 14.50 -15.47
C ASP A 567 16.75 14.62 -17.00
N ALA A 568 15.59 14.99 -17.55
CA ALA A 568 15.46 15.20 -18.98
C ALA A 568 16.17 16.48 -19.42
N LYS A 569 16.17 17.50 -18.55
CA LYS A 569 16.61 18.84 -18.91
C LYS A 569 18.12 18.89 -19.18
N SER A 570 18.88 18.20 -18.32
CA SER A 570 20.33 18.08 -18.51
C SER A 570 20.64 16.98 -19.53
N ALA A 571 20.04 15.81 -19.36
CA ALA A 571 20.02 14.78 -20.39
C ALA A 571 18.85 15.00 -21.34
PA FAD B . -2.12 -0.29 -9.08
O1A FAD B . -2.55 -1.69 -8.78
O2A FAD B . -3.08 0.79 -8.71
O5B FAD B . -1.84 -0.08 -10.66
C5B FAD B . -1.22 -1.07 -11.46
C4B FAD B . -1.87 -0.94 -12.83
O4B FAD B . -1.09 -1.71 -13.74
C3B FAD B . -3.30 -1.47 -12.85
O3B FAD B . -4.16 -0.55 -13.51
C2B FAD B . -3.14 -2.80 -13.60
O2B FAD B . -4.26 -3.29 -14.28
C1B FAD B . -2.02 -2.47 -14.55
N9A FAD B . -1.25 -3.63 -15.03
C8A FAD B . -0.76 -4.64 -14.28
N7A FAD B . -0.05 -5.49 -15.04
C5A FAD B . -0.05 -4.99 -16.30
C6A FAD B . 0.52 -5.38 -17.60
N6A FAD B . 1.26 -6.50 -17.68
N1A FAD B . 0.30 -4.57 -18.65
C2A FAD B . -0.43 -3.44 -18.57
N3A FAD B . -1.01 -3.02 -17.42
C4A FAD B . -0.82 -3.76 -16.29
N1 FAD B . -5.20 1.93 -0.14
C2 FAD B . -5.72 3.07 0.37
O2 FAD B . -5.04 4.12 0.29
N3 FAD B . -6.92 3.11 0.95
C4 FAD B . -7.69 2.01 1.09
O4 FAD B . -8.81 2.10 1.65
C4X FAD B . -7.20 0.73 0.54
N5 FAD B . -7.89 -0.43 0.62
C5X FAD B . -7.61 -1.40 -0.23
C6 FAD B . -8.59 -2.37 -0.51
C7 FAD B . -8.30 -3.37 -1.44
C7M FAD B . -9.34 -4.42 -1.77
C8 FAD B . -7.00 -3.39 -2.16
C8M FAD B . -6.66 -4.44 -3.17
C9 FAD B . -6.04 -2.41 -1.88
C9A FAD B . -6.31 -1.42 -0.96
N10 FAD B . -5.36 -0.41 -0.64
C10 FAD B . -5.88 0.76 -0.10
C1' FAD B . -4.04 -0.40 -1.28
C2' FAD B . -3.97 0.58 -2.45
O2' FAD B . -5.21 0.68 -3.13
C3' FAD B . -2.84 0.12 -3.37
O3' FAD B . -1.63 -0.07 -2.62
C4' FAD B . -2.57 1.09 -4.50
O4' FAD B . -3.76 1.40 -5.24
C5' FAD B . -1.53 0.48 -5.44
O5' FAD B . -1.16 1.42 -6.46
P FAD B . -0.03 1.06 -7.52
O1P FAD B . 0.18 2.24 -8.44
O2P FAD B . 1.15 0.41 -6.86
O3P FAD B . -0.67 -0.14 -8.40
C1 LGC C . -7.24 -0.60 3.54
C2 LGC C . -6.95 -2.08 3.40
O5 LGC C . -8.50 -0.16 4.05
O1 LGC C . -6.40 0.22 3.23
O2 LGC C . -6.11 -2.28 2.27
C3 LGC C . -8.21 -2.92 3.23
O3 LGC C . -7.83 -4.27 3.51
C4 LGC C . -9.31 -2.46 4.19
O4 LGC C . -10.49 -3.28 4.05
C5 LGC C . -9.64 -1.01 3.85
C6 LGC C . -10.77 -0.51 4.71
O6 LGC C . -11.24 0.72 4.17
C1 LGC D . -11.58 -14.27 4.82
C2 LGC D . -12.52 -13.23 5.36
O5 LGC D . -11.53 -15.64 5.31
O1 LGC D . -10.83 -13.97 3.92
O2 LGC D . -11.89 -11.95 5.24
C3 LGC D . -12.92 -13.53 6.80
O3 LGC D . -14.16 -12.87 7.07
C4 LGC D . -13.08 -15.03 7.04
O4 LGC D . -13.45 -15.29 8.40
C5 LGC D . -11.81 -15.79 6.69
C6 LGC D . -11.96 -17.29 7.01
O6 LGC D . -10.92 -18.07 6.40
#